data_1G7T
#
_entry.id   1G7T
#
_cell.length_a   48.799
_cell.length_b   53.680
_cell.length_c   94.926
_cell.angle_alpha   105.17
_cell.angle_beta   94.76
_cell.angle_gamma   100.17
#
_symmetry.space_group_name_H-M   'P 1'
#
loop_
_entity.id
_entity.type
_entity.pdbx_description
1 polymer 'TRANSLATION INITIATION FACTOR IF2/EIF5B'
2 non-polymer 'MAGNESIUM ION'
3 non-polymer 'PHOSPHOAMINOPHOSPHONIC ACID-GUANYLATE ESTER'
4 water water
#
_entity_poly.entity_id   1
_entity_poly.type   'polypeptide(L)'
_entity_poly.pdbx_seq_one_letter_code
;MKIRSPIVSVLGHVDHGKTTLLDHIRGSAVASREAGGITQHIGATEIPMDVIEGICGDFLKKFSIRETLPGLFFIDTPGH
EAFTTLRKRGGALADLAILIVDINEGFKPQTQEALNILRMYRTPFVVAANKIDRIHGWRVHEGRPFMETFSKQDIQVQQK
LDTKVYELVGKLHEEGFESERFDRVTDFASQVSIIPISAITGEGIPELLTMLMGLAQQYLREQLKIEEDSPARGTILEVK
EETGLGMTIDAVIYDGILRKDDTIAMMTSKDVISTRIRSLLKPRPLEEMRESRKKFQKVDEVVAAAGIKIVAPGIDDVMA
GSPLRVVTDPEKVREEILSEIEDIKIDTDEAGVVVKADTLGSLEAVVKILRDMYVPIKVADIGDVSRRDVVNAGIALQED
RVYGAIIAFNVKVIPSAAQELKNSDIKLFQGNVIYRLMEEYEEWVRGIEEEKKKKWMEAIIKPASIRLIPKLVFRQSKPA
IGGVEVLTGVIRQGYPLMNDDGETVGTVESMQDKGENLKSASRGQKVAMAIKDAVYGKTIHEGDTLYVDIPENHYHILKE
QLSGDLTDEELDLMDKIAEIKRKKNPDWGMKAPF
;
_entity_poly.pdbx_strand_id   A
#
loop_
_chem_comp.id
_chem_comp.type
_chem_comp.name
_chem_comp.formula
GNP non-polymer 'PHOSPHOAMINOPHOSPHONIC ACID-GUANYLATE ESTER' 'C10 H17 N6 O13 P3'
MG non-polymer 'MAGNESIUM ION' 'Mg 2'
#
# COMPACT_ATOMS: atom_id res chain seq x y z
N MET A 1 37.42 -9.28 -5.01
CA MET A 1 36.17 -8.49 -5.13
C MET A 1 36.06 -7.84 -6.50
N LYS A 2 34.85 -7.45 -6.88
CA LYS A 2 34.60 -6.78 -8.14
C LYS A 2 33.31 -5.98 -8.05
N ILE A 3 33.14 -5.07 -9.00
CA ILE A 3 31.95 -4.24 -9.08
C ILE A 3 31.04 -4.85 -10.13
N ARG A 4 29.86 -5.30 -9.72
CA ARG A 4 28.91 -5.90 -10.66
C ARG A 4 27.97 -4.89 -11.33
N SER A 5 27.23 -5.39 -12.31
CA SER A 5 26.27 -4.56 -13.03
C SER A 5 25.07 -4.23 -12.14
N PRO A 6 24.56 -2.98 -12.22
CA PRO A 6 23.40 -2.67 -11.39
C PRO A 6 22.25 -3.51 -11.92
N ILE A 7 21.38 -3.92 -11.02
CA ILE A 7 20.19 -4.69 -11.40
C ILE A 7 19.02 -3.68 -11.54
N VAL A 8 18.42 -3.65 -12.72
CA VAL A 8 17.31 -2.73 -12.98
C VAL A 8 16.01 -3.53 -13.20
N SER A 9 15.01 -3.33 -12.37
CA SER A 9 13.76 -4.04 -12.56
C SER A 9 12.88 -3.21 -13.53
N VAL A 10 11.90 -3.84 -14.18
CA VAL A 10 10.99 -3.12 -15.11
C VAL A 10 9.59 -3.43 -14.58
N LEU A 11 8.93 -2.42 -14.04
CA LEU A 11 7.63 -2.57 -13.43
C LEU A 11 6.57 -1.81 -14.21
N GLY A 12 5.30 -2.19 -14.06
CA GLY A 12 4.26 -1.47 -14.79
C GLY A 12 3.02 -2.30 -14.96
N HIS A 13 1.94 -1.67 -15.42
CA HIS A 13 0.67 -2.34 -15.62
C HIS A 13 0.70 -3.41 -16.72
N VAL A 14 -0.24 -4.35 -16.66
CA VAL A 14 -0.30 -5.43 -17.65
C VAL A 14 -0.27 -4.84 -19.05
N ASP A 15 0.59 -5.41 -19.89
CA ASP A 15 0.78 -5.00 -21.27
C ASP A 15 1.24 -3.57 -21.60
N HIS A 16 1.72 -2.82 -20.61
CA HIS A 16 2.22 -1.49 -20.92
C HIS A 16 3.60 -1.64 -21.57
N GLY A 17 4.11 -2.88 -21.65
CA GLY A 17 5.37 -3.10 -22.32
C GLY A 17 6.63 -3.57 -21.59
N LYS A 18 6.52 -4.07 -20.37
CA LYS A 18 7.71 -4.53 -19.65
C LYS A 18 8.61 -5.47 -20.45
N THR A 19 8.04 -6.58 -20.90
CA THR A 19 8.83 -7.58 -21.64
C THR A 19 9.34 -7.14 -22.98
N THR A 20 8.51 -6.40 -23.71
CA THR A 20 8.89 -5.91 -25.01
C THR A 20 10.12 -4.98 -24.90
N LEU A 21 10.16 -4.17 -23.86
CA LEU A 21 11.28 -3.27 -23.67
C LEU A 21 12.57 -4.06 -23.54
N LEU A 22 12.58 -5.06 -22.64
CA LEU A 22 13.79 -5.86 -22.46
C LEU A 22 14.15 -6.64 -23.71
N ASP A 23 13.15 -7.15 -24.41
CA ASP A 23 13.43 -7.89 -25.64
C ASP A 23 14.10 -6.98 -26.67
N HIS A 24 13.69 -5.71 -26.75
CA HIS A 24 14.31 -4.80 -27.71
C HIS A 24 15.76 -4.52 -27.29
N ILE A 25 15.96 -4.25 -26.01
CA ILE A 25 17.28 -3.98 -25.49
C ILE A 25 18.22 -5.16 -25.77
N ARG A 26 17.70 -6.38 -25.64
CA ARG A 26 18.49 -7.57 -25.91
C ARG A 26 18.84 -7.61 -27.41
N GLY A 27 17.85 -7.29 -28.23
CA GLY A 27 18.06 -7.30 -29.66
C GLY A 27 19.18 -6.37 -30.06
N SER A 28 19.18 -5.16 -29.51
CA SER A 28 20.20 -4.16 -29.81
C SER A 28 21.60 -4.70 -29.51
N ALA A 29 21.76 -5.34 -28.35
CA ALA A 29 23.05 -5.90 -27.95
C ALA A 29 23.48 -7.01 -28.92
N VAL A 30 22.57 -7.94 -29.18
CA VAL A 30 22.85 -9.07 -30.08
C VAL A 30 23.32 -8.58 -31.44
N ALA A 31 22.49 -7.79 -32.11
CA ALA A 31 22.82 -7.27 -33.44
C ALA A 31 23.83 -6.13 -33.41
N SER A 32 24.81 -6.18 -32.51
CA SER A 32 25.82 -5.14 -32.42
C SER A 32 27.15 -5.72 -31.96
N ARG A 33 27.08 -6.94 -31.43
CA ARG A 33 28.27 -7.63 -30.94
C ARG A 33 28.27 -9.05 -31.49
N ILE A 38 26.63 -12.21 -26.78
CA ILE A 38 26.06 -11.64 -25.51
C ILE A 38 25.52 -12.77 -24.63
N THR A 39 25.90 -12.77 -23.36
CA THR A 39 25.43 -13.81 -22.46
C THR A 39 23.91 -13.72 -22.32
N GLN A 40 23.24 -14.85 -22.44
CA GLN A 40 21.77 -14.91 -22.30
C GLN A 40 21.41 -15.29 -20.86
N HIS A 41 20.28 -14.79 -20.37
CA HIS A 41 19.84 -15.08 -19.00
C HIS A 41 18.37 -15.45 -18.98
N ILE A 42 17.97 -16.18 -17.95
CA ILE A 42 16.57 -16.56 -17.82
C ILE A 42 15.85 -15.38 -17.17
N GLY A 43 14.77 -14.89 -17.79
CA GLY A 43 14.01 -13.80 -17.21
C GLY A 43 14.73 -12.47 -17.01
N ALA A 44 15.88 -12.30 -17.63
CA ALA A 44 16.68 -11.09 -17.50
C ALA A 44 17.40 -10.79 -18.82
N THR A 45 18.00 -9.60 -18.91
CA THR A 45 18.72 -9.18 -20.11
C THR A 45 19.95 -8.46 -19.64
N GLU A 46 21.12 -8.89 -20.09
CA GLU A 46 22.35 -8.21 -19.70
C GLU A 46 22.88 -7.37 -20.85
N ILE A 47 22.99 -6.07 -20.68
CA ILE A 47 23.55 -5.27 -21.74
C ILE A 47 24.90 -4.71 -21.29
N PRO A 48 25.97 -5.11 -22.00
CA PRO A 48 27.37 -4.72 -21.76
C PRO A 48 27.62 -3.23 -21.92
N MET A 49 28.53 -2.69 -21.11
CA MET A 49 28.85 -1.28 -21.18
C MET A 49 29.26 -0.75 -22.57
N ASP A 50 29.92 -1.56 -23.38
CA ASP A 50 30.30 -1.05 -24.69
C ASP A 50 29.07 -0.89 -25.58
N VAL A 51 28.09 -1.77 -25.37
CA VAL A 51 26.86 -1.68 -26.13
C VAL A 51 26.11 -0.41 -25.71
N ILE A 52 26.09 -0.15 -24.42
CA ILE A 52 25.44 1.06 -23.89
C ILE A 52 26.13 2.31 -24.46
N GLU A 53 27.46 2.35 -24.36
CA GLU A 53 28.20 3.50 -24.87
C GLU A 53 27.99 3.64 -26.36
N GLY A 54 27.63 2.56 -27.02
CA GLY A 54 27.38 2.61 -28.46
C GLY A 54 26.03 3.23 -28.77
N ILE A 55 25.04 2.92 -27.94
CA ILE A 55 23.67 3.43 -28.12
C ILE A 55 23.55 4.88 -27.64
N CYS A 56 24.23 5.18 -26.55
CA CYS A 56 24.20 6.52 -25.97
C CYS A 56 25.45 7.19 -26.52
N GLY A 57 25.29 8.37 -27.10
CA GLY A 57 26.46 9.00 -27.66
C GLY A 57 27.42 9.51 -26.61
N ASP A 58 27.80 10.76 -26.76
CA ASP A 58 28.68 11.42 -25.83
C ASP A 58 27.84 11.87 -24.64
N PHE A 59 26.53 11.61 -24.71
CA PHE A 59 25.63 11.98 -23.62
C PHE A 59 25.99 11.20 -22.35
N LEU A 60 26.91 10.25 -22.47
CA LEU A 60 27.32 9.46 -21.32
C LEU A 60 28.64 9.90 -20.70
N LYS A 61 29.39 10.71 -21.42
CA LYS A 61 30.71 11.13 -20.96
C LYS A 61 30.75 11.91 -19.65
N LYS A 62 29.61 12.45 -19.23
CA LYS A 62 29.55 13.19 -17.97
C LYS A 62 29.45 12.29 -16.74
N PHE A 63 29.34 10.98 -16.95
CA PHE A 63 29.23 10.02 -15.86
C PHE A 63 30.47 9.14 -15.67
N SER A 64 31.31 9.51 -14.71
CA SER A 64 32.53 8.74 -14.47
C SER A 64 32.30 7.26 -14.16
N ILE A 65 31.16 6.92 -13.56
CA ILE A 65 30.86 5.52 -13.22
C ILE A 65 30.90 4.61 -14.46
N ARG A 66 30.64 5.20 -15.62
CA ARG A 66 30.65 4.47 -16.89
C ARG A 66 31.92 3.63 -17.07
N GLU A 67 33.03 4.13 -16.52
CA GLU A 67 34.33 3.47 -16.61
C GLU A 67 34.52 2.26 -15.72
N THR A 68 33.68 2.14 -14.70
CA THR A 68 33.81 1.04 -13.74
C THR A 68 32.74 -0.05 -13.76
N LEU A 69 31.70 0.11 -14.58
CA LEU A 69 30.65 -0.89 -14.60
C LEU A 69 30.74 -1.85 -15.77
N PRO A 70 30.36 -3.11 -15.55
CA PRO A 70 30.38 -4.12 -16.61
C PRO A 70 29.23 -3.85 -17.58
N GLY A 71 28.19 -3.18 -17.09
CA GLY A 71 27.04 -2.87 -17.91
C GLY A 71 25.80 -2.76 -17.04
N LEU A 72 24.65 -3.12 -17.59
CA LEU A 72 23.42 -3.06 -16.82
C LEU A 72 22.74 -4.39 -16.98
N PHE A 73 22.10 -4.83 -15.91
CA PHE A 73 21.43 -6.13 -15.85
C PHE A 73 19.96 -5.88 -15.58
N PHE A 74 19.12 -6.11 -16.59
CA PHE A 74 17.68 -5.89 -16.44
C PHE A 74 16.92 -7.13 -16.07
N ILE A 75 15.92 -6.97 -15.20
CA ILE A 75 15.09 -8.10 -14.80
C ILE A 75 13.62 -7.76 -15.03
N ASP A 76 12.93 -8.65 -15.73
CA ASP A 76 11.50 -8.50 -15.98
C ASP A 76 10.69 -8.83 -14.71
N THR A 77 9.55 -8.16 -14.54
CA THR A 77 8.68 -8.51 -13.42
C THR A 77 8.32 -9.99 -13.73
N PRO A 78 8.46 -10.89 -12.76
CA PRO A 78 8.15 -12.31 -13.01
C PRO A 78 6.66 -12.60 -12.84
N GLY A 79 6.18 -13.73 -13.33
CA GLY A 79 4.77 -14.09 -13.19
C GLY A 79 3.77 -13.07 -13.74
N HIS A 80 2.64 -12.89 -13.08
CA HIS A 80 1.69 -11.87 -13.57
C HIS A 80 1.76 -10.70 -12.60
N GLU A 81 2.47 -9.65 -12.98
CA GLU A 81 2.63 -8.44 -12.17
C GLU A 81 3.16 -8.71 -10.76
N ALA A 82 3.99 -9.75 -10.59
CA ALA A 82 4.48 -10.08 -9.24
C ALA A 82 5.70 -9.26 -8.77
N PHE A 83 5.51 -7.94 -8.73
CA PHE A 83 6.55 -7.00 -8.31
C PHE A 83 7.18 -7.36 -6.99
N THR A 84 6.37 -7.79 -6.02
CA THR A 84 6.89 -8.05 -4.68
C THR A 84 7.83 -9.24 -4.58
N THR A 85 7.90 -10.05 -5.62
CA THR A 85 8.81 -11.19 -5.58
C THR A 85 10.25 -10.70 -5.74
N LEU A 86 10.43 -9.52 -6.33
CA LEU A 86 11.81 -9.00 -6.57
C LEU A 86 12.42 -8.40 -5.31
N ARG A 87 12.79 -9.28 -4.37
CA ARG A 87 13.32 -8.83 -3.08
C ARG A 87 14.52 -9.67 -2.69
N LYS A 88 15.24 -9.19 -1.68
CA LYS A 88 16.37 -9.90 -1.13
C LYS A 88 16.50 -9.46 0.34
N ARG A 89 17.39 -10.10 1.09
CA ARG A 89 17.51 -9.78 2.50
C ARG A 89 17.59 -8.31 2.83
N GLY A 90 18.58 -7.61 2.29
CA GLY A 90 18.70 -6.21 2.64
C GLY A 90 17.72 -5.24 2.03
N GLY A 91 16.67 -5.75 1.37
CA GLY A 91 15.71 -4.88 0.72
C GLY A 91 15.26 -5.37 -0.65
N ALA A 92 15.20 -4.45 -1.62
CA ALA A 92 14.79 -4.83 -2.96
C ALA A 92 15.95 -5.50 -3.67
N LEU A 93 15.60 -6.44 -4.54
CA LEU A 93 16.59 -7.12 -5.34
C LEU A 93 17.21 -6.11 -6.32
N ALA A 94 16.39 -5.22 -6.89
CA ALA A 94 16.96 -4.27 -7.84
C ALA A 94 17.63 -3.05 -7.21
N ASP A 95 18.65 -2.54 -7.88
CA ASP A 95 19.37 -1.35 -7.41
C ASP A 95 18.63 -0.14 -7.96
N LEU A 96 18.07 -0.32 -9.15
CA LEU A 96 17.33 0.73 -9.86
C LEU A 96 16.04 0.14 -10.46
N ALA A 97 15.13 1.00 -10.89
CA ALA A 97 13.90 0.52 -11.53
C ALA A 97 13.43 1.41 -12.68
N ILE A 98 12.70 0.79 -13.59
CA ILE A 98 12.09 1.55 -14.66
C ILE A 98 10.61 1.33 -14.41
N LEU A 99 9.84 2.41 -14.24
CA LEU A 99 8.39 2.25 -14.09
C LEU A 99 7.83 2.56 -15.49
N ILE A 100 7.38 1.54 -16.21
CA ILE A 100 6.85 1.78 -17.55
C ILE A 100 5.34 2.07 -17.53
N VAL A 101 4.90 3.03 -18.33
CA VAL A 101 3.49 3.34 -18.41
C VAL A 101 3.15 3.68 -19.86
N ASP A 102 2.02 3.18 -20.32
CA ASP A 102 1.58 3.46 -21.69
C ASP A 102 1.31 4.97 -21.68
N ILE A 103 2.08 5.73 -22.46
CA ILE A 103 1.92 7.19 -22.49
C ILE A 103 0.49 7.58 -22.91
N ASN A 104 -0.16 6.69 -23.66
CA ASN A 104 -1.51 6.94 -24.15
C ASN A 104 -2.57 6.63 -23.11
N GLU A 105 -2.38 5.55 -22.35
CA GLU A 105 -3.33 5.13 -21.31
C GLU A 105 -3.11 5.85 -19.97
N GLY A 106 -1.85 6.16 -19.65
CA GLY A 106 -1.54 6.80 -18.36
C GLY A 106 -1.55 5.76 -17.25
N PHE A 107 -1.57 6.21 -15.98
CA PHE A 107 -1.59 5.36 -14.80
C PHE A 107 -2.81 4.43 -14.72
N LYS A 108 -2.55 3.17 -14.38
CA LYS A 108 -3.58 2.15 -14.23
C LYS A 108 -3.30 1.56 -12.84
N PRO A 109 -4.22 0.72 -12.31
CA PRO A 109 -4.01 0.12 -10.97
C PRO A 109 -2.61 -0.44 -10.64
N GLN A 110 -2.03 -1.21 -11.55
CA GLN A 110 -0.73 -1.79 -11.27
C GLN A 110 0.37 -0.74 -11.35
N THR A 111 0.13 0.38 -12.04
CA THR A 111 1.15 1.42 -12.08
C THR A 111 1.26 1.99 -10.66
N GLN A 112 0.10 2.21 -10.03
CA GLN A 112 0.09 2.73 -8.67
C GLN A 112 0.74 1.74 -7.69
N GLU A 113 0.46 0.45 -7.89
CA GLU A 113 1.01 -0.57 -7.03
C GLU A 113 2.53 -0.52 -7.14
N ALA A 114 3.05 -0.54 -8.36
CA ALA A 114 4.50 -0.51 -8.57
C ALA A 114 5.12 0.75 -7.95
N LEU A 115 4.49 1.90 -8.19
CA LEU A 115 5.00 3.15 -7.61
C LEU A 115 5.13 3.03 -6.07
N ASN A 116 4.08 2.55 -5.41
CA ASN A 116 4.09 2.45 -3.93
C ASN A 116 5.20 1.53 -3.40
N ILE A 117 5.48 0.47 -4.14
CA ILE A 117 6.52 -0.49 -3.77
C ILE A 117 7.87 0.22 -3.94
N LEU A 118 8.05 0.89 -5.07
CA LEU A 118 9.27 1.63 -5.33
C LEU A 118 9.48 2.69 -4.22
N ARG A 119 8.43 3.45 -3.91
CA ARG A 119 8.53 4.46 -2.86
C ARG A 119 8.93 3.80 -1.54
N MET A 120 8.26 2.70 -1.22
CA MET A 120 8.48 1.95 0.02
C MET A 120 9.89 1.36 0.20
N TYR A 121 10.50 0.86 -0.88
CA TYR A 121 11.85 0.33 -0.78
C TYR A 121 12.89 1.39 -1.14
N ARG A 122 12.43 2.61 -1.35
CA ARG A 122 13.34 3.70 -1.68
C ARG A 122 14.23 3.39 -2.90
N THR A 123 13.71 2.68 -3.89
CA THR A 123 14.59 2.44 -5.01
C THR A 123 14.48 3.54 -6.08
N PRO A 124 15.65 4.11 -6.45
CA PRO A 124 15.67 5.17 -7.46
C PRO A 124 15.04 4.62 -8.74
N PHE A 125 14.29 5.44 -9.46
CA PHE A 125 13.68 4.93 -10.70
C PHE A 125 13.48 6.07 -11.68
N VAL A 126 13.23 5.71 -12.94
CA VAL A 126 12.91 6.68 -13.98
C VAL A 126 11.55 6.15 -14.45
N VAL A 127 10.79 6.99 -15.15
CA VAL A 127 9.48 6.59 -15.68
C VAL A 127 9.63 6.54 -17.20
N ALA A 128 9.36 5.40 -17.82
CA ALA A 128 9.44 5.31 -19.27
C ALA A 128 8.01 5.42 -19.76
N ALA A 129 7.71 6.51 -20.48
CA ALA A 129 6.36 6.75 -21.00
C ALA A 129 6.35 6.06 -22.36
N ASN A 130 5.93 4.79 -22.35
CA ASN A 130 5.96 3.94 -23.53
C ASN A 130 4.84 4.09 -24.57
N LYS A 131 5.13 3.57 -25.75
CA LYS A 131 4.24 3.55 -26.89
C LYS A 131 4.01 4.94 -27.53
N ILE A 132 5.06 5.76 -27.63
CA ILE A 132 4.89 7.08 -28.24
C ILE A 132 4.64 6.93 -29.76
N ASP A 133 4.94 5.75 -30.29
CA ASP A 133 4.73 5.47 -31.72
C ASP A 133 3.23 5.37 -32.04
N ARG A 134 2.40 5.26 -31.01
CA ARG A 134 0.96 5.17 -31.24
C ARG A 134 0.23 6.52 -31.06
N ILE A 135 0.98 7.59 -30.80
CA ILE A 135 0.36 8.91 -30.66
C ILE A 135 -0.06 9.26 -32.11
N HIS A 136 -1.33 9.59 -32.29
CA HIS A 136 -1.85 9.95 -33.62
C HIS A 136 -0.94 10.92 -34.35
N GLY A 137 -0.54 10.55 -35.57
CA GLY A 137 0.30 11.40 -36.38
C GLY A 137 1.81 11.25 -36.20
N TRP A 138 2.21 10.41 -35.25
CA TRP A 138 3.62 10.22 -34.99
C TRP A 138 4.28 9.53 -36.18
N ARG A 139 5.46 10.01 -36.56
CA ARG A 139 6.19 9.38 -37.64
C ARG A 139 7.46 8.73 -37.06
N VAL A 140 7.53 7.42 -37.19
CA VAL A 140 8.66 6.64 -36.69
C VAL A 140 10.02 6.85 -37.32
N HIS A 141 11.02 7.03 -36.47
CA HIS A 141 12.41 7.17 -36.88
C HIS A 141 13.18 6.14 -36.02
N GLU A 142 13.23 4.90 -36.50
CA GLU A 142 13.89 3.75 -35.86
C GLU A 142 15.09 3.93 -34.95
N GLY A 143 14.98 3.45 -33.71
CA GLY A 143 16.07 3.52 -32.75
C GLY A 143 16.78 4.84 -32.50
N ARG A 144 16.17 5.94 -32.93
CA ARG A 144 16.80 7.24 -32.75
C ARG A 144 16.51 7.80 -31.35
N PRO A 145 17.41 8.65 -30.83
CA PRO A 145 17.23 9.25 -29.52
C PRO A 145 15.91 10.02 -29.53
N PHE A 146 15.24 10.10 -28.39
CA PHE A 146 13.98 10.81 -28.30
C PHE A 146 14.09 12.25 -28.82
N MET A 147 15.13 12.98 -28.41
CA MET A 147 15.25 14.38 -28.85
C MET A 147 15.24 14.51 -30.38
N GLU A 148 15.84 13.54 -31.04
CA GLU A 148 15.92 13.52 -32.49
C GLU A 148 14.61 13.19 -33.21
N THR A 149 13.90 12.16 -32.79
CA THR A 149 12.64 11.82 -33.44
C THR A 149 11.56 12.85 -33.12
N PHE A 150 11.53 13.30 -31.88
CA PHE A 150 10.57 14.31 -31.45
C PHE A 150 10.69 15.59 -32.29
N SER A 151 11.91 16.09 -32.45
CA SER A 151 12.17 17.32 -33.20
C SER A 151 11.73 17.24 -34.66
N LYS A 152 11.47 16.04 -35.14
CA LYS A 152 11.01 15.83 -36.51
C LYS A 152 9.51 15.62 -36.62
N GLN A 153 8.82 15.65 -35.48
CA GLN A 153 7.37 15.49 -35.48
C GLN A 153 6.69 16.84 -35.75
N ASP A 154 5.47 16.81 -36.27
CA ASP A 154 4.75 18.06 -36.53
C ASP A 154 4.48 18.69 -35.16
N ILE A 155 4.49 20.02 -35.12
CA ILE A 155 4.27 20.77 -33.90
C ILE A 155 3.11 20.28 -33.08
N GLN A 156 1.95 20.04 -33.69
CA GLN A 156 0.80 19.59 -32.91
C GLN A 156 1.00 18.20 -32.29
N VAL A 157 1.76 17.35 -32.98
CA VAL A 157 2.03 16.02 -32.47
C VAL A 157 2.95 16.17 -31.26
N GLN A 158 3.90 17.09 -31.33
CA GLN A 158 4.79 17.34 -30.22
C GLN A 158 3.96 17.81 -29.03
N GLN A 159 3.02 18.70 -29.33
CA GLN A 159 2.14 19.27 -28.31
C GLN A 159 1.28 18.22 -27.64
N LYS A 160 0.77 17.28 -28.43
CA LYS A 160 -0.03 16.22 -27.85
C LYS A 160 0.82 15.33 -26.94
N LEU A 161 2.07 15.08 -27.32
CA LEU A 161 2.95 14.25 -26.51
C LEU A 161 3.24 14.91 -25.16
N ASP A 162 3.60 16.20 -25.19
CA ASP A 162 3.88 16.90 -23.95
C ASP A 162 2.65 16.97 -23.06
N THR A 163 1.47 17.01 -23.64
CA THR A 163 0.25 17.03 -22.85
C THR A 163 0.14 15.72 -22.04
N LYS A 164 0.36 14.57 -22.69
CA LYS A 164 0.28 13.29 -22.00
C LYS A 164 1.35 13.22 -20.91
N VAL A 165 2.52 13.79 -21.19
CA VAL A 165 3.59 13.79 -20.22
C VAL A 165 3.18 14.63 -19.01
N TYR A 166 2.61 15.81 -19.24
CA TYR A 166 2.20 16.62 -18.10
C TYR A 166 1.10 16.00 -17.27
N GLU A 167 0.36 15.05 -17.84
CA GLU A 167 -0.69 14.39 -17.06
C GLU A 167 0.00 13.39 -16.12
N LEU A 168 1.15 12.88 -16.56
CA LEU A 168 1.95 11.93 -15.75
C LEU A 168 2.57 12.71 -14.59
N VAL A 169 3.06 13.91 -14.90
CA VAL A 169 3.65 14.78 -13.89
C VAL A 169 2.60 15.12 -12.85
N GLY A 170 1.39 15.43 -13.33
CA GLY A 170 0.31 15.74 -12.40
C GLY A 170 0.03 14.56 -11.48
N LYS A 171 -0.01 13.35 -12.03
CA LYS A 171 -0.34 12.18 -11.22
C LYS A 171 0.76 11.89 -10.21
N LEU A 172 2.02 11.97 -10.66
CA LEU A 172 3.21 11.72 -9.86
C LEU A 172 3.25 12.76 -8.71
N HIS A 173 2.89 14.00 -9.02
CA HIS A 173 2.86 15.08 -8.01
C HIS A 173 1.81 14.72 -6.94
N GLU A 174 0.65 14.25 -7.37
CA GLU A 174 -0.39 13.85 -6.42
C GLU A 174 0.15 12.71 -5.53
N GLU A 175 1.11 11.95 -6.07
CA GLU A 175 1.73 10.83 -5.35
C GLU A 175 2.94 11.22 -4.52
N GLY A 176 3.23 12.51 -4.47
CA GLY A 176 4.34 12.97 -3.67
C GLY A 176 5.66 12.95 -4.39
N PHE A 177 5.64 12.78 -5.72
CA PHE A 177 6.85 12.80 -6.50
C PHE A 177 6.85 13.95 -7.50
N GLU A 178 7.87 14.80 -7.44
CA GLU A 178 8.01 15.87 -8.40
C GLU A 178 8.69 15.22 -9.60
N SER A 179 8.41 15.73 -10.80
CA SER A 179 8.99 15.13 -11.98
C SER A 179 8.86 16.05 -13.16
N GLU A 180 9.53 15.64 -14.25
CA GLU A 180 9.53 16.36 -15.51
C GLU A 180 10.09 15.45 -16.61
N ARG A 181 9.84 15.83 -17.86
CA ARG A 181 10.43 15.12 -18.99
C ARG A 181 11.95 15.24 -18.67
N PHE A 182 12.70 14.15 -18.87
CA PHE A 182 14.13 14.10 -18.53
C PHE A 182 14.95 15.35 -18.88
N ASP A 183 14.69 15.94 -20.03
CA ASP A 183 15.46 17.12 -20.43
C ASP A 183 15.04 18.41 -19.72
N ARG A 184 13.88 18.43 -19.10
CA ARG A 184 13.45 19.64 -18.40
C ARG A 184 13.71 19.57 -16.89
N VAL A 185 14.14 18.40 -16.43
CA VAL A 185 14.47 18.19 -15.02
C VAL A 185 15.53 19.20 -14.55
N THR A 186 15.38 19.65 -13.30
CA THR A 186 16.26 20.61 -12.63
C THR A 186 17.18 19.98 -11.59
N ASP A 187 16.64 19.17 -10.68
CA ASP A 187 17.46 18.50 -9.66
C ASP A 187 17.27 16.98 -9.81
N PHE A 188 18.17 16.38 -10.59
CA PHE A 188 18.13 14.95 -10.89
C PHE A 188 17.95 14.10 -9.64
N ALA A 189 18.50 14.56 -8.54
CA ALA A 189 18.40 13.84 -7.29
C ALA A 189 16.99 13.81 -6.70
N SER A 190 16.20 14.88 -6.89
CA SER A 190 14.88 14.85 -6.29
C SER A 190 13.69 14.79 -7.24
N GLN A 191 13.91 14.97 -8.54
CA GLN A 191 12.81 14.91 -9.51
C GLN A 191 12.93 13.61 -10.31
N VAL A 192 11.81 12.94 -10.52
CA VAL A 192 11.80 11.72 -11.31
C VAL A 192 11.93 12.16 -12.77
N SER A 193 12.79 11.50 -13.54
CA SER A 193 12.94 11.82 -14.93
C SER A 193 11.99 10.94 -15.71
N ILE A 194 11.25 11.56 -16.62
CA ILE A 194 10.31 10.85 -17.46
C ILE A 194 10.91 10.82 -18.88
N ILE A 195 11.05 9.62 -19.44
CA ILE A 195 11.59 9.46 -20.77
C ILE A 195 10.58 8.83 -21.72
N PRO A 196 10.16 9.60 -22.74
CA PRO A 196 9.19 9.12 -23.72
C PRO A 196 9.90 8.13 -24.62
N ILE A 197 9.32 6.95 -24.79
CA ILE A 197 9.95 5.94 -25.63
C ILE A 197 8.97 5.10 -26.39
N SER A 198 9.52 4.22 -27.22
CA SER A 198 8.75 3.23 -27.96
C SER A 198 9.55 1.93 -27.83
N ALA A 199 8.98 0.96 -27.12
CA ALA A 199 9.63 -0.31 -26.90
C ALA A 199 9.71 -1.10 -28.19
N ILE A 200 8.74 -0.90 -29.08
CA ILE A 200 8.72 -1.62 -30.36
C ILE A 200 9.71 -0.99 -31.29
N THR A 201 9.65 0.33 -31.38
CA THR A 201 10.60 1.06 -32.19
C THR A 201 11.72 1.12 -31.16
N GLY A 202 12.79 1.84 -31.42
CA GLY A 202 13.79 1.92 -30.38
C GLY A 202 13.84 3.36 -29.93
N GLU A 203 12.86 4.14 -30.38
CA GLU A 203 12.81 5.57 -30.05
C GLU A 203 12.91 5.85 -28.57
N GLY A 204 13.78 6.80 -28.21
CA GLY A 204 13.94 7.18 -26.82
C GLY A 204 14.76 6.20 -25.96
N ILE A 205 15.02 5.01 -26.47
CA ILE A 205 15.80 4.10 -25.64
C ILE A 205 17.19 4.67 -25.32
N PRO A 206 17.78 5.47 -26.21
CA PRO A 206 19.10 6.03 -25.87
C PRO A 206 19.09 6.87 -24.59
N GLU A 207 18.08 7.76 -24.46
CA GLU A 207 17.98 8.61 -23.26
C GLU A 207 17.59 7.78 -22.04
N LEU A 208 16.82 6.71 -22.25
CA LEU A 208 16.43 5.85 -21.16
C LEU A 208 17.65 5.27 -20.48
N LEU A 209 18.58 4.74 -21.27
CA LEU A 209 19.80 4.17 -20.72
C LEU A 209 20.68 5.27 -20.12
N THR A 210 20.70 6.45 -20.75
CA THR A 210 21.50 7.54 -20.22
C THR A 210 20.98 7.89 -18.83
N MET A 211 19.66 8.01 -18.68
CA MET A 211 19.13 8.36 -17.37
C MET A 211 19.40 7.25 -16.34
N LEU A 212 19.35 5.98 -16.75
CA LEU A 212 19.66 4.90 -15.80
C LEU A 212 21.15 5.04 -15.39
N MET A 213 22.02 5.36 -16.33
CA MET A 213 23.43 5.55 -15.98
C MET A 213 23.53 6.75 -15.04
N GLY A 214 22.67 7.75 -15.24
CA GLY A 214 22.68 8.91 -14.34
C GLY A 214 22.34 8.46 -12.92
N LEU A 215 21.28 7.65 -12.77
CA LEU A 215 20.94 7.14 -11.45
C LEU A 215 22.10 6.34 -10.86
N ALA A 216 22.80 5.54 -11.66
CA ALA A 216 23.91 4.78 -11.07
C ALA A 216 24.95 5.81 -10.58
N GLN A 217 25.26 6.79 -11.40
CA GLN A 217 26.22 7.83 -11.00
C GLN A 217 25.85 8.46 -9.65
N GLN A 218 24.56 8.72 -9.47
CA GLN A 218 24.06 9.37 -8.27
C GLN A 218 23.90 8.52 -7.00
N TYR A 219 23.50 7.25 -7.14
CA TYR A 219 23.23 6.44 -5.96
C TYR A 219 24.01 5.18 -5.65
N LEU A 220 24.57 4.55 -6.66
CA LEU A 220 25.22 3.29 -6.45
C LEU A 220 26.73 3.25 -6.25
N ARG A 221 27.14 2.73 -5.10
CA ARG A 221 28.56 2.57 -4.84
C ARG A 221 28.77 1.22 -4.19
N GLU A 222 28.85 1.23 -2.86
CA GLU A 222 29.07 0.01 -2.09
C GLU A 222 28.14 -1.17 -2.40
N GLN A 223 26.89 -0.89 -2.78
CA GLN A 223 25.93 -1.97 -3.08
C GLN A 223 26.28 -2.77 -4.34
N LEU A 224 27.21 -2.26 -5.16
CA LEU A 224 27.58 -3.00 -6.37
C LEU A 224 28.75 -3.98 -6.13
N LYS A 225 29.34 -3.91 -4.94
CA LYS A 225 30.47 -4.77 -4.63
C LYS A 225 30.07 -6.22 -4.40
N ILE A 226 30.75 -7.13 -5.08
CA ILE A 226 30.47 -8.54 -4.89
C ILE A 226 31.77 -9.30 -4.71
N GLU A 227 31.65 -10.50 -4.16
CA GLU A 227 32.80 -11.37 -4.00
C GLU A 227 32.54 -12.54 -4.93
N GLU A 228 33.12 -12.44 -6.12
CA GLU A 228 32.98 -13.40 -7.20
C GLU A 228 33.26 -14.84 -6.80
N ASP A 229 34.04 -15.02 -5.74
CA ASP A 229 34.36 -16.38 -5.30
C ASP A 229 33.52 -16.92 -4.17
N SER A 230 32.72 -16.05 -3.56
CA SER A 230 31.85 -16.45 -2.45
C SER A 230 30.73 -17.36 -2.90
N PRO A 231 30.13 -18.13 -1.96
CA PRO A 231 29.03 -19.02 -2.34
C PRO A 231 27.91 -18.10 -2.78
N ALA A 232 27.26 -18.43 -3.89
CA ALA A 232 26.20 -17.58 -4.47
C ALA A 232 25.04 -17.33 -3.55
N ARG A 233 24.51 -16.11 -3.63
CA ARG A 233 23.32 -15.69 -2.88
C ARG A 233 22.37 -15.16 -3.97
N GLY A 234 21.10 -15.53 -3.89
CA GLY A 234 20.18 -15.08 -4.90
C GLY A 234 18.75 -15.16 -4.38
N THR A 235 17.83 -14.98 -5.32
CA THR A 235 16.40 -15.02 -5.02
C THR A 235 15.66 -15.87 -6.06
N ILE A 236 14.71 -16.67 -5.62
CA ILE A 236 13.93 -17.49 -6.56
C ILE A 236 12.78 -16.63 -7.10
N LEU A 237 12.70 -16.52 -8.42
CA LEU A 237 11.66 -15.73 -9.05
C LEU A 237 10.44 -16.56 -9.43
N GLU A 238 10.64 -17.80 -9.85
CA GLU A 238 9.56 -18.67 -10.25
C GLU A 238 9.93 -20.13 -10.07
N VAL A 239 8.94 -20.93 -9.74
CA VAL A 239 9.12 -22.36 -9.60
C VAL A 239 8.06 -22.90 -10.52
N LYS A 240 8.48 -23.52 -11.61
CA LYS A 240 7.52 -24.03 -12.56
C LYS A 240 8.01 -25.21 -13.40
N GLU A 241 7.05 -25.96 -13.90
CA GLU A 241 7.34 -27.11 -14.73
C GLU A 241 7.79 -26.75 -16.15
N GLU A 242 8.70 -27.56 -16.70
CA GLU A 242 9.20 -27.37 -18.05
C GLU A 242 9.14 -28.80 -18.66
N THR A 243 8.61 -28.92 -19.87
CA THR A 243 8.47 -30.21 -20.55
C THR A 243 9.80 -30.98 -20.55
N GLY A 244 9.74 -32.26 -20.23
CA GLY A 244 10.94 -33.09 -20.24
C GLY A 244 11.77 -33.03 -18.96
N LEU A 245 11.63 -31.93 -18.23
CA LEU A 245 12.36 -31.72 -17.01
C LEU A 245 11.24 -31.72 -15.99
N GLY A 246 11.52 -31.70 -14.72
CA GLY A 246 10.34 -31.67 -13.90
C GLY A 246 10.05 -30.23 -13.52
N MET A 247 9.87 -30.06 -12.23
CA MET A 247 9.65 -28.76 -11.68
C MET A 247 11.04 -28.17 -11.82
N THR A 248 11.07 -26.87 -12.06
CA THR A 248 12.30 -26.14 -12.31
C THR A 248 12.28 -24.80 -11.48
N ILE A 249 13.45 -24.26 -11.18
CA ILE A 249 13.58 -23.01 -10.43
C ILE A 249 14.20 -21.92 -11.29
N ASP A 250 13.53 -20.76 -11.41
CA ASP A 250 14.13 -19.64 -12.12
C ASP A 250 14.62 -18.68 -11.03
N ALA A 251 15.90 -18.31 -11.12
CA ALA A 251 16.47 -17.46 -10.09
C ALA A 251 17.45 -16.41 -10.57
N VAL A 252 17.61 -15.37 -9.74
CA VAL A 252 18.58 -14.33 -10.01
C VAL A 252 19.64 -14.40 -8.92
N ILE A 253 20.90 -14.40 -9.31
CA ILE A 253 21.98 -14.45 -8.33
C ILE A 253 22.56 -13.03 -8.29
N TYR A 254 22.59 -12.40 -7.12
CA TYR A 254 23.12 -11.05 -6.98
C TYR A 254 24.51 -10.95 -6.35
N ASP A 255 25.07 -12.07 -5.88
CA ASP A 255 26.43 -12.06 -5.31
C ASP A 255 27.01 -13.48 -5.44
N GLY A 256 28.32 -13.57 -5.54
CA GLY A 256 28.92 -14.89 -5.63
C GLY A 256 28.86 -15.70 -6.91
N ILE A 257 29.15 -16.99 -6.77
CA ILE A 257 29.16 -17.87 -7.92
C ILE A 257 28.34 -19.09 -7.61
N LEU A 258 27.61 -19.59 -8.60
CA LEU A 258 26.76 -20.76 -8.45
C LEU A 258 27.30 -21.80 -9.41
N ARG A 259 27.62 -22.97 -8.88
CA ARG A 259 28.14 -24.04 -9.72
C ARG A 259 27.18 -25.21 -9.89
N LYS A 260 27.36 -25.89 -11.00
CA LYS A 260 26.56 -27.02 -11.43
C LYS A 260 26.49 -28.18 -10.43
N ASP A 261 27.50 -28.31 -9.59
CA ASP A 261 27.49 -29.42 -8.62
C ASP A 261 27.18 -28.91 -7.21
N ASP A 262 26.77 -27.65 -7.12
CA ASP A 262 26.45 -27.05 -5.83
C ASP A 262 25.21 -27.63 -5.14
N THR A 263 25.18 -27.44 -3.83
CA THR A 263 24.05 -27.80 -3.00
C THR A 263 23.49 -26.40 -2.67
N ILE A 264 22.18 -26.25 -2.76
CA ILE A 264 21.53 -24.96 -2.51
C ILE A 264 20.39 -25.11 -1.53
N ALA A 265 20.21 -24.09 -0.71
CA ALA A 265 19.15 -24.09 0.28
C ALA A 265 18.07 -23.05 -0.06
N MET A 266 16.83 -23.36 0.27
CA MET A 266 15.71 -22.46 -0.01
C MET A 266 14.62 -22.81 0.97
N MET A 267 13.53 -22.03 0.95
CA MET A 267 12.40 -22.30 1.81
C MET A 267 11.32 -22.96 0.98
N THR A 268 10.50 -23.76 1.66
CA THR A 268 9.37 -24.46 1.09
C THR A 268 8.20 -23.87 1.86
N SER A 269 6.99 -24.35 1.63
CA SER A 269 5.86 -23.82 2.40
C SER A 269 5.94 -24.35 3.84
N LYS A 270 6.73 -25.42 4.04
CA LYS A 270 6.86 -26.06 5.35
C LYS A 270 8.15 -25.81 6.13
N ASP A 271 9.30 -25.90 5.49
CA ASP A 271 10.57 -25.66 6.17
C ASP A 271 11.67 -25.24 5.21
N VAL A 272 12.89 -25.15 5.72
CA VAL A 272 14.04 -24.81 4.91
C VAL A 272 14.61 -26.16 4.44
N ILE A 273 14.98 -26.26 3.17
CA ILE A 273 15.55 -27.51 2.63
C ILE A 273 16.81 -27.18 1.86
N SER A 274 17.47 -28.22 1.34
CA SER A 274 18.63 -28.03 0.49
C SER A 274 18.55 -29.17 -0.54
N THR A 275 19.13 -28.95 -1.71
CA THR A 275 19.11 -29.97 -2.74
C THR A 275 20.40 -29.88 -3.53
N ARG A 276 20.75 -30.96 -4.22
CA ARG A 276 21.96 -30.96 -5.02
C ARG A 276 21.53 -30.67 -6.46
N ILE A 277 22.19 -29.71 -7.09
CA ILE A 277 21.86 -29.31 -8.45
C ILE A 277 22.30 -30.35 -9.48
N ARG A 278 21.41 -30.62 -10.45
CA ARG A 278 21.71 -31.55 -11.55
C ARG A 278 22.28 -30.70 -12.70
N SER A 279 21.65 -29.56 -12.99
CA SER A 279 22.18 -28.67 -14.02
C SER A 279 21.68 -27.23 -13.94
N LEU A 280 22.42 -26.36 -14.61
CA LEU A 280 22.14 -24.93 -14.70
C LEU A 280 21.85 -24.71 -16.16
N LEU A 281 20.72 -24.06 -16.44
CA LEU A 281 20.30 -23.84 -17.81
C LEU A 281 20.06 -22.37 -18.13
N LYS A 282 20.49 -21.96 -19.31
CA LYS A 282 20.28 -20.61 -19.78
C LYS A 282 19.60 -20.71 -21.13
N PRO A 283 18.89 -19.65 -21.54
CA PRO A 283 18.22 -19.73 -22.85
C PRO A 283 19.26 -19.94 -23.92
N ARG A 284 18.97 -20.75 -24.92
CA ARG A 284 19.93 -20.96 -26.00
C ARG A 284 19.64 -19.87 -27.04
N PRO A 285 20.70 -19.22 -27.55
CA PRO A 285 20.58 -18.15 -28.56
C PRO A 285 19.72 -18.50 -29.81
N SER A 292 20.95 -29.24 -33.16
CA SER A 292 20.37 -29.52 -31.80
C SER A 292 19.24 -28.55 -31.47
N ARG A 293 18.01 -29.03 -31.57
CA ARG A 293 16.82 -28.22 -31.29
C ARG A 293 16.50 -28.23 -29.78
N LYS A 294 17.45 -27.75 -28.99
CA LYS A 294 17.30 -27.69 -27.55
C LYS A 294 17.05 -26.23 -27.15
N LYS A 295 15.99 -26.00 -26.37
CA LYS A 295 15.67 -24.63 -25.94
C LYS A 295 16.67 -24.06 -24.95
N PHE A 296 17.25 -24.93 -24.12
CA PHE A 296 18.22 -24.48 -23.13
C PHE A 296 19.63 -25.00 -23.43
N GLN A 297 20.60 -24.30 -22.86
CA GLN A 297 22.01 -24.63 -23.00
C GLN A 297 22.60 -24.74 -21.58
N LYS A 298 23.28 -25.86 -21.31
CA LYS A 298 23.88 -26.11 -20.00
C LYS A 298 25.15 -25.31 -19.82
N VAL A 299 25.37 -24.88 -18.58
CA VAL A 299 26.56 -24.13 -18.23
C VAL A 299 27.10 -24.81 -16.97
N ASP A 300 28.37 -24.59 -16.69
CA ASP A 300 28.97 -25.22 -15.51
C ASP A 300 28.81 -24.30 -14.30
N GLU A 301 28.69 -23.00 -14.55
CA GLU A 301 28.56 -22.05 -13.44
C GLU A 301 28.18 -20.68 -13.98
N VAL A 302 27.67 -19.83 -13.09
CA VAL A 302 27.32 -18.45 -13.39
C VAL A 302 27.71 -17.65 -12.17
N VAL A 303 28.21 -16.44 -12.40
CA VAL A 303 28.66 -15.54 -11.35
C VAL A 303 27.70 -14.37 -11.20
N ALA A 304 27.58 -13.93 -9.94
CA ALA A 304 26.72 -12.82 -9.55
C ALA A 304 26.56 -11.85 -10.64
N ALA A 305 25.27 -11.65 -10.90
CA ALA A 305 24.76 -10.79 -11.90
C ALA A 305 24.30 -11.81 -12.92
N ALA A 306 23.37 -12.69 -12.54
CA ALA A 306 22.90 -13.71 -13.48
C ALA A 306 21.46 -14.17 -13.25
N GLY A 307 20.79 -14.58 -14.32
CA GLY A 307 19.43 -15.10 -14.22
C GLY A 307 19.55 -16.52 -14.73
N ILE A 308 19.21 -17.51 -13.91
CA ILE A 308 19.42 -18.89 -14.34
C ILE A 308 18.28 -19.81 -14.01
N LYS A 309 18.16 -20.90 -14.77
CA LYS A 309 17.11 -21.87 -14.49
C LYS A 309 17.79 -23.10 -13.90
N ILE A 310 17.33 -23.53 -12.73
CA ILE A 310 17.96 -24.65 -12.03
C ILE A 310 17.13 -25.91 -12.03
N VAL A 311 17.80 -27.04 -12.28
CA VAL A 311 17.14 -28.34 -12.26
C VAL A 311 17.75 -29.10 -11.07
N ALA A 312 16.87 -29.52 -10.16
CA ALA A 312 17.27 -30.20 -8.94
C ALA A 312 16.04 -30.98 -8.49
N PRO A 313 16.24 -32.04 -7.69
CA PRO A 313 15.17 -32.90 -7.18
C PRO A 313 14.28 -32.55 -6.01
N GLY A 314 14.77 -31.84 -5.02
CA GLY A 314 13.87 -31.67 -3.89
C GLY A 314 12.85 -30.57 -3.94
N ILE A 315 12.62 -30.02 -5.12
CA ILE A 315 11.72 -28.90 -5.21
C ILE A 315 10.35 -29.39 -5.66
N ASP A 316 9.40 -28.49 -5.75
CA ASP A 316 8.02 -28.83 -6.14
C ASP A 316 7.23 -27.95 -5.22
N ASP A 317 7.68 -27.88 -3.97
CA ASP A 317 7.03 -27.03 -2.98
C ASP A 317 7.90 -25.81 -2.65
N VAL A 318 8.95 -25.55 -3.43
CA VAL A 318 9.76 -24.38 -3.13
C VAL A 318 8.92 -23.11 -3.42
N MET A 319 9.04 -22.13 -2.54
CA MET A 319 8.26 -20.91 -2.64
C MET A 319 8.88 -19.81 -3.51
N ALA A 320 8.06 -19.17 -4.36
CA ALA A 320 8.55 -18.06 -5.15
C ALA A 320 8.95 -17.01 -4.11
N GLY A 321 9.99 -16.24 -4.41
CA GLY A 321 10.43 -15.22 -3.47
C GLY A 321 11.48 -15.67 -2.47
N SER A 322 11.61 -16.99 -2.28
CA SER A 322 12.57 -17.56 -1.31
C SER A 322 14.02 -17.17 -1.52
N PRO A 323 14.77 -17.00 -0.43
CA PRO A 323 16.18 -16.66 -0.61
C PRO A 323 16.78 -17.94 -1.23
N LEU A 324 17.90 -17.80 -1.94
CA LEU A 324 18.58 -18.93 -2.54
C LEU A 324 20.02 -18.82 -2.06
N ARG A 325 20.55 -19.90 -1.50
CA ARG A 325 21.93 -19.87 -0.98
C ARG A 325 22.70 -21.18 -1.25
N VAL A 326 23.90 -21.06 -1.81
CA VAL A 326 24.69 -22.27 -1.99
C VAL A 326 25.21 -22.59 -0.59
N VAL A 327 25.26 -23.87 -0.29
CA VAL A 327 25.68 -24.34 1.03
C VAL A 327 27.15 -24.75 1.14
N THR A 328 27.81 -24.28 2.19
CA THR A 328 29.20 -24.65 2.47
C THR A 328 29.21 -25.06 3.95
N ASP A 329 28.22 -24.56 4.70
CA ASP A 329 28.04 -24.87 6.13
C ASP A 329 26.52 -24.93 6.34
N PRO A 330 25.93 -26.12 6.24
CA PRO A 330 24.49 -26.38 6.41
C PRO A 330 23.75 -25.79 7.59
N GLU A 331 24.29 -25.87 8.80
CA GLU A 331 23.55 -25.31 9.92
C GLU A 331 23.73 -23.80 9.97
N LYS A 332 24.80 -23.32 9.38
CA LYS A 332 25.01 -21.89 9.35
C LYS A 332 24.04 -21.27 8.32
N VAL A 333 23.80 -21.99 7.22
CA VAL A 333 22.89 -21.47 6.18
C VAL A 333 21.41 -21.62 6.55
N ARG A 334 21.06 -22.72 7.22
CA ARG A 334 19.66 -22.92 7.63
C ARG A 334 19.26 -21.85 8.65
N GLU A 335 20.19 -21.52 9.54
CA GLU A 335 19.95 -20.53 10.57
C GLU A 335 19.82 -19.15 9.93
N GLU A 336 20.66 -18.88 8.94
CA GLU A 336 20.61 -17.60 8.26
C GLU A 336 19.27 -17.41 7.55
N ILE A 337 18.83 -18.43 6.83
CA ILE A 337 17.56 -18.35 6.12
C ILE A 337 16.40 -18.23 7.10
N LEU A 338 16.45 -19.00 8.18
CA LEU A 338 15.38 -18.94 9.18
C LEU A 338 15.31 -17.55 9.80
N SER A 339 16.46 -16.98 10.11
CA SER A 339 16.53 -15.64 10.67
C SER A 339 15.91 -14.63 9.71
N GLU A 340 16.20 -14.81 8.43
CA GLU A 340 15.68 -13.93 7.40
C GLU A 340 14.16 -13.99 7.39
N ILE A 341 13.62 -15.20 7.50
CA ILE A 341 12.20 -15.39 7.52
C ILE A 341 11.58 -14.71 8.76
N GLU A 342 12.12 -15.06 9.93
CA GLU A 342 11.62 -14.55 11.19
C GLU A 342 11.55 -13.03 11.27
N ASP A 343 12.55 -12.35 10.71
CA ASP A 343 12.56 -10.90 10.78
C ASP A 343 11.38 -10.28 10.03
N ILE A 344 10.70 -11.07 9.22
CA ILE A 344 9.55 -10.56 8.48
C ILE A 344 8.24 -11.09 9.06
N LYS A 345 8.26 -12.33 9.54
CA LYS A 345 7.07 -12.99 10.11
C LYS A 345 6.20 -12.37 11.20
N ILE A 346 6.75 -11.70 12.21
CA ILE A 346 5.87 -11.11 13.24
C ILE A 346 4.83 -12.05 13.88
N ASP A 347 4.95 -12.26 15.19
CA ASP A 347 4.01 -13.11 15.92
C ASP A 347 4.03 -12.83 17.42
N THR A 348 3.37 -11.73 17.81
CA THR A 348 3.28 -11.36 19.22
C THR A 348 1.83 -11.55 19.66
N ASP A 349 1.48 -10.90 20.77
CA ASP A 349 0.12 -10.96 21.27
C ASP A 349 -0.34 -9.52 21.39
N GLU A 350 0.62 -8.62 21.57
CA GLU A 350 0.30 -7.21 21.71
C GLU A 350 -0.51 -6.70 20.53
N ALA A 351 -1.08 -5.50 20.68
CA ALA A 351 -1.90 -4.86 19.66
C ALA A 351 -2.72 -5.88 18.88
N GLY A 352 -3.01 -5.57 17.62
CA GLY A 352 -3.79 -6.46 16.78
C GLY A 352 -3.56 -6.27 15.29
N VAL A 353 -4.31 -7.00 14.48
CA VAL A 353 -4.24 -6.97 13.00
C VAL A 353 -3.52 -8.21 12.46
N VAL A 354 -4.26 -9.04 11.72
CA VAL A 354 -3.70 -10.26 11.16
C VAL A 354 -3.47 -10.19 9.65
N VAL A 355 -2.22 -10.39 9.25
CA VAL A 355 -1.82 -10.32 7.84
C VAL A 355 -1.31 -11.65 7.28
N LYS A 356 -1.80 -12.00 6.08
CA LYS A 356 -1.38 -13.21 5.38
C LYS A 356 -1.12 -12.90 3.91
N ALA A 357 0.03 -13.35 3.42
CA ALA A 357 0.40 -13.13 2.02
C ALA A 357 0.91 -14.43 1.40
N ASP A 358 1.03 -14.44 0.08
CA ASP A 358 1.46 -15.64 -0.65
C ASP A 358 2.96 -15.93 -0.73
N THR A 359 3.76 -14.88 -0.55
CA THR A 359 5.21 -14.92 -0.68
C THR A 359 5.88 -14.15 0.48
N LEU A 360 7.18 -14.37 0.69
CA LEU A 360 7.92 -13.66 1.73
C LEU A 360 8.02 -12.19 1.32
N GLY A 361 8.17 -11.96 0.02
CA GLY A 361 8.26 -10.60 -0.50
C GLY A 361 6.94 -9.84 -0.43
N SER A 362 5.82 -10.49 -0.76
CA SER A 362 4.53 -9.81 -0.66
C SER A 362 4.19 -9.55 0.81
N LEU A 363 4.60 -10.49 1.66
CA LEU A 363 4.37 -10.38 3.10
C LEU A 363 5.13 -9.16 3.61
N GLU A 364 6.41 -9.07 3.23
CA GLU A 364 7.23 -7.95 3.66
C GLU A 364 6.68 -6.61 3.20
N ALA A 365 6.22 -6.56 1.96
CA ALA A 365 5.66 -5.34 1.40
C ALA A 365 4.45 -4.85 2.23
N VAL A 366 3.47 -5.73 2.45
CA VAL A 366 2.27 -5.38 3.23
C VAL A 366 2.66 -4.93 4.64
N VAL A 367 3.53 -5.69 5.30
CA VAL A 367 3.96 -5.34 6.64
C VAL A 367 4.61 -3.96 6.62
N LYS A 368 5.34 -3.66 5.56
CA LYS A 368 6.00 -2.37 5.49
C LYS A 368 4.97 -1.26 5.32
N ILE A 369 4.03 -1.43 4.39
CA ILE A 369 3.02 -0.42 4.13
C ILE A 369 2.15 -0.18 5.37
N LEU A 370 1.79 -1.25 6.07
CA LEU A 370 0.96 -1.14 7.27
C LEU A 370 1.70 -0.38 8.38
N ARG A 371 3.02 -0.55 8.43
CA ARG A 371 3.81 0.13 9.45
C ARG A 371 3.87 1.62 9.18
N ASP A 372 3.99 1.97 7.90
CA ASP A 372 4.02 3.37 7.54
C ASP A 372 2.65 4.00 7.83
N MET A 373 1.63 3.16 7.98
CA MET A 373 0.28 3.60 8.27
C MET A 373 0.06 3.56 9.78
N TYR A 374 1.11 3.21 10.51
CA TYR A 374 1.06 3.12 11.96
C TYR A 374 0.00 2.11 12.42
N VAL A 375 -0.25 1.07 11.64
CA VAL A 375 -1.21 0.06 12.03
C VAL A 375 -0.46 -1.12 12.62
N PRO A 376 -0.65 -1.37 13.93
CA PRO A 376 0.03 -2.48 14.61
C PRO A 376 -0.40 -3.83 14.06
N ILE A 377 0.51 -4.80 14.12
CA ILE A 377 0.26 -6.14 13.60
C ILE A 377 0.51 -7.23 14.63
N LYS A 378 -0.46 -8.11 14.80
CA LYS A 378 -0.31 -9.20 15.75
C LYS A 378 0.24 -10.42 15.01
N VAL A 379 -0.27 -10.67 13.81
CA VAL A 379 0.17 -11.81 13.00
C VAL A 379 0.51 -11.44 11.56
N ALA A 380 1.68 -11.90 11.10
CA ALA A 380 2.15 -11.69 9.72
C ALA A 380 2.73 -13.05 9.30
N ASP A 381 2.11 -13.71 8.34
CA ASP A 381 2.62 -15.01 7.94
C ASP A 381 2.22 -15.34 6.51
N ILE A 382 2.79 -16.40 6.00
CA ILE A 382 2.53 -16.80 4.62
C ILE A 382 1.49 -17.93 4.55
N GLY A 383 0.69 -17.94 3.50
CA GLY A 383 -0.30 -19.00 3.35
C GLY A 383 -1.76 -18.60 3.50
N ASP A 384 -2.63 -19.50 3.06
CA ASP A 384 -4.07 -19.28 3.12
C ASP A 384 -4.56 -19.02 4.54
N VAL A 385 -5.64 -18.26 4.64
CA VAL A 385 -6.23 -17.93 5.94
C VAL A 385 -6.65 -19.23 6.63
N SER A 386 -6.07 -19.49 7.80
CA SER A 386 -6.36 -20.69 8.57
C SER A 386 -7.30 -20.42 9.74
N ARG A 387 -7.79 -21.50 10.35
CA ARG A 387 -8.71 -21.37 11.48
C ARG A 387 -7.96 -20.63 12.60
N ARG A 388 -6.65 -20.89 12.69
CA ARG A 388 -5.81 -20.26 13.70
C ARG A 388 -5.75 -18.75 13.49
N ASP A 389 -5.64 -18.34 12.23
CA ASP A 389 -5.60 -16.92 11.89
C ASP A 389 -6.85 -16.20 12.37
N VAL A 390 -8.00 -16.81 12.12
CA VAL A 390 -9.28 -16.24 12.54
C VAL A 390 -9.33 -16.09 14.06
N VAL A 391 -8.83 -17.11 14.76
CA VAL A 391 -8.81 -17.09 16.22
C VAL A 391 -7.99 -15.93 16.78
N ASN A 392 -6.86 -15.64 16.16
CA ASN A 392 -5.99 -14.56 16.60
C ASN A 392 -6.61 -13.22 16.26
N ALA A 393 -7.38 -13.19 15.18
CA ALA A 393 -8.05 -11.96 14.81
C ALA A 393 -9.12 -11.71 15.88
N GLY A 394 -9.80 -12.78 16.28
CA GLY A 394 -10.83 -12.68 17.29
C GLY A 394 -10.27 -12.10 18.58
N ILE A 395 -9.12 -12.60 18.98
CA ILE A 395 -8.45 -12.12 20.17
C ILE A 395 -8.19 -10.62 20.01
N ALA A 396 -7.87 -10.23 18.78
CA ALA A 396 -7.61 -8.83 18.47
C ALA A 396 -8.91 -8.04 18.38
N LEU A 397 -9.96 -8.69 17.89
CA LEU A 397 -11.27 -8.06 17.74
C LEU A 397 -11.58 -7.33 19.04
N GLN A 398 -11.18 -7.95 20.15
CA GLN A 398 -11.36 -7.35 21.47
C GLN A 398 -10.32 -6.26 21.63
N GLU A 399 -10.75 -5.12 22.14
CA GLU A 399 -9.87 -3.96 22.31
C GLU A 399 -9.71 -3.42 20.90
N ASP A 400 -10.60 -2.50 20.54
CA ASP A 400 -10.63 -1.91 19.22
C ASP A 400 -11.07 -2.97 18.23
N ARG A 401 -12.32 -2.85 17.76
CA ARG A 401 -12.82 -3.79 16.78
C ARG A 401 -12.05 -3.49 15.49
N VAL A 402 -11.25 -2.42 15.55
CA VAL A 402 -10.41 -1.96 14.46
C VAL A 402 -9.34 -3.01 14.09
N TYR A 403 -8.84 -3.72 15.11
CA TYR A 403 -7.84 -4.74 14.86
C TYR A 403 -8.46 -6.09 14.52
N GLY A 404 -9.78 -6.20 14.69
CA GLY A 404 -10.46 -7.44 14.37
C GLY A 404 -10.59 -7.66 12.88
N ALA A 405 -9.45 -7.65 12.18
CA ALA A 405 -9.46 -7.84 10.73
C ALA A 405 -8.32 -8.72 10.23
N ILE A 406 -8.54 -9.33 9.06
CA ILE A 406 -7.55 -10.20 8.43
C ILE A 406 -7.29 -9.61 7.04
N ILE A 407 -6.03 -9.27 6.78
CA ILE A 407 -5.64 -8.74 5.49
C ILE A 407 -4.92 -9.85 4.74
N ALA A 408 -5.58 -10.43 3.74
CA ALA A 408 -5.03 -11.53 2.96
C ALA A 408 -4.71 -11.15 1.52
N PHE A 409 -3.41 -11.06 1.24
CA PHE A 409 -2.91 -10.71 -0.08
C PHE A 409 -2.67 -11.94 -0.97
N ASN A 410 -3.41 -12.01 -2.06
CA ASN A 410 -3.30 -13.08 -3.04
C ASN A 410 -3.26 -14.47 -2.45
N VAL A 411 -4.05 -14.68 -1.41
CA VAL A 411 -4.10 -15.98 -0.77
C VAL A 411 -5.55 -16.46 -0.71
N LYS A 412 -5.76 -17.75 -0.55
CA LYS A 412 -7.11 -18.29 -0.47
C LYS A 412 -7.48 -18.47 1.00
N VAL A 413 -8.74 -18.78 1.26
CA VAL A 413 -9.20 -18.99 2.63
C VAL A 413 -9.49 -20.49 2.79
N ILE A 414 -8.90 -21.12 3.79
CA ILE A 414 -9.14 -22.54 4.01
C ILE A 414 -10.57 -22.71 4.52
N PRO A 415 -11.34 -23.65 3.93
CA PRO A 415 -12.73 -23.92 4.33
C PRO A 415 -12.94 -23.77 5.84
N SER A 416 -12.34 -24.68 6.61
CA SER A 416 -12.44 -24.65 8.06
C SER A 416 -12.35 -23.23 8.61
N ALA A 417 -11.65 -22.35 7.88
CA ALA A 417 -11.50 -20.97 8.31
C ALA A 417 -12.70 -20.13 7.90
N ALA A 418 -13.14 -20.31 6.67
CA ALA A 418 -14.29 -19.58 6.14
C ALA A 418 -15.54 -19.80 6.99
N GLN A 419 -15.89 -21.07 7.21
CA GLN A 419 -17.04 -21.42 8.02
C GLN A 419 -16.91 -20.79 9.40
N GLU A 420 -15.89 -21.19 10.12
CA GLU A 420 -15.63 -20.66 11.47
C GLU A 420 -15.53 -19.13 11.44
N LEU A 421 -15.51 -18.56 10.24
CA LEU A 421 -15.41 -17.12 10.09
C LEU A 421 -16.79 -16.47 9.91
N LYS A 422 -17.74 -17.25 9.38
CA LYS A 422 -19.11 -16.77 9.14
C LYS A 422 -19.59 -15.79 10.19
N ASN A 423 -19.15 -16.00 11.44
CA ASN A 423 -19.51 -15.14 12.55
C ASN A 423 -18.97 -13.73 12.33
N SER A 424 -19.88 -12.76 12.37
CA SER A 424 -19.56 -11.35 12.19
C SER A 424 -18.44 -10.87 13.12
N ASP A 425 -18.26 -9.55 13.15
CA ASP A 425 -17.26 -8.91 13.99
C ASP A 425 -15.80 -9.10 13.54
N ILE A 426 -15.57 -9.98 12.58
CA ILE A 426 -14.22 -10.18 12.04
C ILE A 426 -14.23 -9.80 10.57
N LYS A 427 -13.62 -8.66 10.25
CA LYS A 427 -13.61 -8.22 8.87
C LYS A 427 -12.44 -8.80 8.08
N LEU A 428 -12.74 -9.21 6.86
CA LEU A 428 -11.76 -9.80 5.97
C LEU A 428 -11.56 -9.00 4.69
N PHE A 429 -10.30 -8.74 4.37
CA PHE A 429 -9.96 -8.03 3.16
C PHE A 429 -9.08 -8.98 2.36
N GLN A 430 -9.52 -9.27 1.14
CA GLN A 430 -8.81 -10.16 0.24
C GLN A 430 -8.63 -9.48 -1.07
N GLY A 431 -7.47 -9.66 -1.67
CA GLY A 431 -7.19 -9.06 -2.95
C GLY A 431 -5.75 -9.30 -3.33
N ASN A 432 -5.44 -9.01 -4.58
CA ASN A 432 -4.07 -9.17 -5.08
C ASN A 432 -3.44 -7.81 -5.38
N VAL A 433 -4.06 -6.74 -4.88
CA VAL A 433 -3.55 -5.38 -5.07
C VAL A 433 -3.41 -4.74 -3.70
N ILE A 434 -2.16 -4.61 -3.24
CA ILE A 434 -1.89 -4.06 -1.92
C ILE A 434 -2.53 -2.71 -1.59
N TYR A 435 -2.30 -1.68 -2.40
CA TYR A 435 -2.87 -0.37 -2.09
C TYR A 435 -4.40 -0.38 -2.03
N ARG A 436 -5.04 -1.29 -2.76
CA ARG A 436 -6.49 -1.37 -2.73
C ARG A 436 -6.93 -1.94 -1.37
N LEU A 437 -6.15 -2.87 -0.83
CA LEU A 437 -6.44 -3.49 0.46
C LEU A 437 -6.34 -2.47 1.58
N MET A 438 -5.38 -1.55 1.46
CA MET A 438 -5.17 -0.53 2.48
C MET A 438 -6.24 0.56 2.45
N GLU A 439 -6.70 0.93 1.26
CA GLU A 439 -7.73 1.95 1.14
C GLU A 439 -9.04 1.37 1.71
N GLU A 440 -9.22 0.07 1.52
CA GLU A 440 -10.40 -0.64 2.00
C GLU A 440 -10.38 -0.77 3.52
N TYR A 441 -9.21 -1.05 4.09
CA TYR A 441 -9.10 -1.17 5.53
C TYR A 441 -9.34 0.19 6.18
N GLU A 442 -8.77 1.24 5.59
CA GLU A 442 -8.91 2.58 6.13
C GLU A 442 -10.32 3.14 6.00
N GLU A 443 -10.99 2.84 4.89
CA GLU A 443 -12.36 3.30 4.67
C GLU A 443 -13.26 2.59 5.68
N TRP A 444 -12.78 1.44 6.17
CA TRP A 444 -13.51 0.63 7.14
C TRP A 444 -13.34 1.24 8.53
N VAL A 445 -12.10 1.61 8.85
CA VAL A 445 -11.79 2.21 10.14
C VAL A 445 -12.55 3.53 10.32
N ARG A 446 -12.62 4.35 9.27
CA ARG A 446 -13.34 5.62 9.35
C ARG A 446 -14.75 5.35 9.86
N GLY A 447 -15.45 4.45 9.16
CA GLY A 447 -16.81 4.10 9.53
C GLY A 447 -16.94 3.60 10.96
N ILE A 448 -16.12 2.63 11.34
CA ILE A 448 -16.18 2.10 12.69
C ILE A 448 -16.05 3.26 13.69
N GLU A 449 -15.11 4.16 13.43
CA GLU A 449 -14.89 5.30 14.31
C GLU A 449 -16.12 6.19 14.41
N GLU A 450 -16.77 6.45 13.27
CA GLU A 450 -17.97 7.28 13.26
C GLU A 450 -19.06 6.61 14.07
N GLU A 451 -19.25 5.32 13.85
CA GLU A 451 -20.26 4.56 14.56
C GLU A 451 -20.06 4.62 16.08
N LYS A 452 -18.80 4.56 16.51
CA LYS A 452 -18.49 4.62 17.94
C LYS A 452 -18.77 6.03 18.46
N LYS A 453 -18.38 7.04 17.68
CA LYS A 453 -18.60 8.43 18.07
C LYS A 453 -20.11 8.73 18.10
N LYS A 454 -20.86 8.09 17.20
CA LYS A 454 -22.30 8.29 17.12
C LYS A 454 -22.93 7.80 18.41
N LYS A 455 -22.61 6.55 18.79
CA LYS A 455 -23.12 5.96 20.01
C LYS A 455 -22.57 6.72 21.21
N TRP A 456 -21.62 7.60 20.94
CA TRP A 456 -21.00 8.42 21.97
C TRP A 456 -21.93 9.55 22.36
N MET A 457 -22.68 10.06 21.39
CA MET A 457 -23.61 11.16 21.64
C MET A 457 -24.85 10.71 22.41
N GLU A 458 -25.38 9.55 22.03
CA GLU A 458 -26.57 8.98 22.64
C GLU A 458 -26.52 8.91 24.17
N ALA A 459 -25.33 8.99 24.74
CA ALA A 459 -25.18 8.93 26.20
C ALA A 459 -24.78 10.30 26.76
N ILE A 460 -24.94 11.35 25.97
CA ILE A 460 -24.61 12.69 26.41
C ILE A 460 -25.80 13.63 26.40
N ILE A 461 -26.00 14.32 27.52
CA ILE A 461 -27.09 15.27 27.66
C ILE A 461 -26.77 16.52 26.86
N LYS A 462 -27.73 16.94 26.03
CA LYS A 462 -27.56 18.12 25.19
C LYS A 462 -28.25 19.34 25.78
N PRO A 463 -28.08 20.52 25.15
CA PRO A 463 -28.70 21.75 25.65
C PRO A 463 -30.14 21.81 25.18
N ALA A 464 -31.02 22.36 26.02
CA ALA A 464 -32.42 22.50 25.66
C ALA A 464 -33.10 23.48 26.60
N SER A 465 -34.14 24.14 26.10
CA SER A 465 -34.88 25.11 26.89
C SER A 465 -36.40 24.96 26.69
N ILE A 466 -37.16 25.15 27.76
CA ILE A 466 -38.62 25.01 27.68
C ILE A 466 -39.34 26.09 28.49
N ARG A 467 -40.55 26.43 28.07
CA ARG A 467 -41.35 27.42 28.80
C ARG A 467 -42.66 26.79 29.23
N LEU A 468 -43.07 27.08 30.46
CA LEU A 468 -44.30 26.55 31.01
C LEU A 468 -45.45 27.46 30.62
N ILE A 469 -46.25 27.01 29.66
CA ILE A 469 -47.39 27.78 29.20
C ILE A 469 -48.34 28.06 30.36
N PRO A 470 -48.59 29.34 30.63
CA PRO A 470 -49.48 29.68 31.73
C PRO A 470 -50.92 29.24 31.45
N LYS A 471 -51.63 28.90 32.52
CA LYS A 471 -53.02 28.49 32.46
C LYS A 471 -53.22 27.05 31.99
N LEU A 472 -52.13 26.30 31.84
CA LEU A 472 -52.22 24.90 31.42
C LEU A 472 -51.62 23.93 32.45
N VAL A 473 -52.09 24.02 33.68
CA VAL A 473 -51.61 23.13 34.71
C VAL A 473 -52.60 22.00 34.93
N PHE A 474 -52.19 20.77 34.65
CA PHE A 474 -53.05 19.61 34.83
C PHE A 474 -52.84 18.93 36.15
N ARG A 475 -51.65 19.08 36.74
CA ARG A 475 -51.36 18.48 38.04
C ARG A 475 -50.23 19.25 38.71
N GLN A 476 -50.48 19.69 39.93
CA GLN A 476 -49.51 20.47 40.68
C GLN A 476 -48.32 19.67 41.24
N SER A 477 -48.62 18.79 42.18
CA SER A 477 -47.63 17.97 42.88
C SER A 477 -47.46 16.56 42.34
N LYS A 478 -46.57 15.80 42.99
CA LYS A 478 -46.27 14.44 42.56
C LYS A 478 -45.98 14.68 41.10
N PRO A 479 -46.34 13.77 40.18
CA PRO A 479 -45.94 14.24 38.86
C PRO A 479 -46.49 15.65 38.61
N ALA A 480 -45.64 16.63 38.36
CA ALA A 480 -46.16 17.95 38.04
C ALA A 480 -46.46 17.75 36.57
N ILE A 481 -47.61 18.26 36.11
CA ILE A 481 -48.00 18.11 34.71
C ILE A 481 -48.53 19.44 34.22
N GLY A 482 -47.99 19.92 33.11
CA GLY A 482 -48.43 21.18 32.56
C GLY A 482 -48.05 21.34 31.10
N GLY A 483 -48.74 22.27 30.43
CA GLY A 483 -48.47 22.54 29.04
C GLY A 483 -47.09 23.19 28.93
N VAL A 484 -46.28 22.69 28.00
CA VAL A 484 -44.93 23.19 27.81
C VAL A 484 -44.64 23.46 26.35
N GLU A 485 -43.77 24.43 26.10
CA GLU A 485 -43.35 24.81 24.76
C GLU A 485 -41.83 24.73 24.77
N VAL A 486 -41.25 23.88 23.92
CA VAL A 486 -39.81 23.75 23.88
C VAL A 486 -39.22 24.99 23.19
N LEU A 487 -38.59 25.85 23.98
CA LEU A 487 -38.00 27.07 23.46
C LEU A 487 -36.86 26.83 22.47
N THR A 488 -35.86 26.04 22.87
CA THR A 488 -34.75 25.74 21.99
C THR A 488 -34.08 24.43 22.36
N GLY A 489 -33.61 23.73 21.34
CA GLY A 489 -32.94 22.46 21.57
C GLY A 489 -33.86 21.27 21.40
N VAL A 490 -33.53 20.17 22.07
CA VAL A 490 -34.33 18.96 21.99
C VAL A 490 -34.38 18.32 23.37
N ILE A 491 -35.40 18.70 24.14
CA ILE A 491 -35.58 18.17 25.49
C ILE A 491 -35.90 16.70 25.38
N ARG A 492 -35.45 15.91 26.35
CA ARG A 492 -35.69 14.49 26.30
C ARG A 492 -36.18 13.88 27.61
N GLN A 493 -36.83 12.73 27.50
CA GLN A 493 -37.37 12.00 28.64
C GLN A 493 -36.24 11.59 29.58
N GLY A 494 -36.16 12.22 30.73
CA GLY A 494 -35.12 11.89 31.68
C GLY A 494 -34.13 13.02 31.89
N TYR A 495 -34.18 14.04 31.04
CA TYR A 495 -33.28 15.18 31.18
C TYR A 495 -33.52 15.99 32.44
N PRO A 496 -32.44 16.34 33.17
CA PRO A 496 -32.55 17.12 34.40
C PRO A 496 -32.94 18.54 34.02
N LEU A 497 -33.64 19.22 34.92
CA LEU A 497 -34.09 20.60 34.67
C LEU A 497 -33.74 21.48 35.85
N MET A 498 -33.36 22.72 35.57
CA MET A 498 -33.01 23.66 36.63
C MET A 498 -33.60 25.05 36.40
N ASN A 499 -33.57 25.86 37.45
CA ASN A 499 -34.11 27.21 37.41
C ASN A 499 -33.16 28.19 36.72
N ASP A 500 -33.56 29.45 36.71
CA ASP A 500 -32.81 30.55 36.11
C ASP A 500 -31.61 30.79 37.02
N ASP A 501 -31.58 30.06 38.14
CA ASP A 501 -30.51 30.19 39.12
C ASP A 501 -29.72 28.90 39.28
N GLY A 502 -29.81 28.01 38.29
CA GLY A 502 -29.07 26.76 38.36
C GLY A 502 -29.61 25.77 39.38
N GLU A 503 -30.74 26.10 39.99
CA GLU A 503 -31.37 25.24 40.99
C GLU A 503 -32.12 24.07 40.31
N THR A 504 -31.86 22.84 40.72
CA THR A 504 -32.52 21.67 40.14
C THR A 504 -34.00 21.61 40.53
N VAL A 505 -34.86 21.68 39.51
CA VAL A 505 -36.30 21.64 39.70
C VAL A 505 -36.86 20.22 39.59
N GLY A 506 -36.28 19.41 38.71
CA GLY A 506 -36.77 18.06 38.55
C GLY A 506 -36.31 17.45 37.25
N THR A 507 -36.90 16.31 36.92
CA THR A 507 -36.56 15.57 35.71
C THR A 507 -37.78 15.39 34.79
N VAL A 508 -37.55 15.44 33.48
CA VAL A 508 -38.65 15.24 32.53
C VAL A 508 -39.06 13.77 32.61
N GLU A 509 -40.27 13.52 33.10
CA GLU A 509 -40.76 12.16 33.24
C GLU A 509 -41.46 11.62 32.01
N SER A 510 -42.30 12.44 31.38
CA SER A 510 -43.03 12.03 30.18
C SER A 510 -43.55 13.22 29.37
N MET A 511 -43.72 13.02 28.08
CA MET A 511 -44.20 14.08 27.21
C MET A 511 -45.29 13.57 26.28
N GLN A 512 -46.26 14.44 26.02
CA GLN A 512 -47.37 14.08 25.17
C GLN A 512 -47.71 15.18 24.17
N ASP A 513 -47.71 14.82 22.90
CA ASP A 513 -48.04 15.76 21.84
C ASP A 513 -49.45 15.40 21.39
N LYS A 514 -50.42 16.17 21.89
CA LYS A 514 -51.82 15.92 21.61
C LYS A 514 -52.13 14.54 22.19
N GLY A 515 -52.15 13.53 21.34
CA GLY A 515 -52.42 12.19 21.85
C GLY A 515 -51.22 11.26 21.71
N GLU A 516 -50.09 11.78 21.25
CA GLU A 516 -48.92 10.93 21.06
C GLU A 516 -47.85 11.10 22.14
N ASN A 517 -47.41 9.98 22.70
CA ASN A 517 -46.38 9.99 23.74
C ASN A 517 -45.00 10.14 23.08
N LEU A 518 -44.25 11.15 23.52
CA LEU A 518 -42.94 11.44 22.96
C LEU A 518 -41.74 11.15 23.85
N LYS A 519 -40.66 10.68 23.24
CA LYS A 519 -39.42 10.39 23.94
C LYS A 519 -38.57 11.66 23.82
N SER A 520 -38.82 12.45 22.78
CA SER A 520 -38.10 13.69 22.59
C SER A 520 -38.98 14.74 21.92
N ALA A 521 -38.72 16.01 22.25
CA ALA A 521 -39.49 17.11 21.69
C ALA A 521 -38.55 18.19 21.12
N SER A 522 -38.81 18.58 19.88
CA SER A 522 -38.00 19.58 19.18
C SER A 522 -38.33 20.99 19.63
N ARG A 523 -38.04 21.98 18.78
CA ARG A 523 -38.29 23.39 19.12
C ARG A 523 -39.75 23.68 19.50
N GLY A 524 -40.37 24.66 18.83
CA GLY A 524 -41.74 25.04 19.15
C GLY A 524 -42.82 23.95 19.13
N GLN A 525 -42.47 22.77 19.64
CA GLN A 525 -43.33 21.60 19.70
C GLN A 525 -44.65 21.77 20.49
N LYS A 526 -44.54 22.14 21.76
CA LYS A 526 -45.70 22.31 22.63
C LYS A 526 -46.36 20.98 22.99
N VAL A 527 -46.21 20.59 24.24
CA VAL A 527 -46.74 19.33 24.69
C VAL A 527 -47.16 19.40 26.15
N ALA A 528 -47.81 18.35 26.62
CA ALA A 528 -48.20 18.27 28.01
C ALA A 528 -47.03 17.50 28.58
N MET A 529 -46.32 18.11 29.52
CA MET A 529 -45.16 17.46 30.10
C MET A 529 -45.32 17.14 31.58
N ALA A 530 -44.82 15.97 31.96
CA ALA A 530 -44.84 15.53 33.35
C ALA A 530 -43.41 15.77 33.85
N ILE A 531 -43.28 16.51 34.95
CA ILE A 531 -41.99 16.82 35.55
C ILE A 531 -41.92 16.27 36.96
N LYS A 532 -41.21 15.15 37.09
CA LYS A 532 -41.03 14.48 38.37
C LYS A 532 -40.27 15.35 39.37
N ASP A 533 -40.64 15.24 40.63
CA ASP A 533 -39.99 15.98 41.71
C ASP A 533 -40.27 17.47 41.75
N ALA A 534 -41.10 17.97 40.85
CA ALA A 534 -41.42 19.40 40.84
C ALA A 534 -42.84 19.68 41.32
N VAL A 535 -43.11 20.95 41.63
CA VAL A 535 -44.44 21.34 42.09
C VAL A 535 -44.76 22.79 41.74
N TYR A 536 -45.85 22.98 41.01
CA TYR A 536 -46.25 24.33 40.62
C TYR A 536 -46.58 25.18 41.84
N GLY A 537 -46.25 26.46 41.75
CA GLY A 537 -46.50 27.37 42.85
C GLY A 537 -45.60 27.05 44.03
N LYS A 538 -44.32 26.82 43.75
CA LYS A 538 -43.37 26.50 44.80
C LYS A 538 -41.98 26.32 44.20
N THR A 539 -41.78 25.19 43.52
CA THR A 539 -40.50 24.86 42.90
C THR A 539 -40.49 25.37 41.46
N ILE A 540 -41.64 25.26 40.81
CA ILE A 540 -41.80 25.64 39.42
C ILE A 540 -42.98 26.62 39.33
N HIS A 541 -42.96 27.50 38.33
CA HIS A 541 -44.03 28.48 38.18
C HIS A 541 -44.47 28.71 36.74
N GLU A 542 -45.77 28.96 36.57
CA GLU A 542 -46.35 29.21 35.24
C GLU A 542 -45.65 30.37 34.56
N GLY A 543 -45.16 30.11 33.34
CA GLY A 543 -44.48 31.15 32.58
C GLY A 543 -42.97 30.99 32.62
N ASP A 544 -42.46 30.49 33.73
CA ASP A 544 -41.03 30.28 33.91
C ASP A 544 -40.38 29.56 32.75
N THR A 545 -39.11 29.88 32.53
CA THR A 545 -38.33 29.20 31.50
C THR A 545 -37.43 28.27 32.29
N LEU A 546 -37.37 27.02 31.89
CA LEU A 546 -36.52 26.07 32.59
C LEU A 546 -35.43 25.67 31.62
N TYR A 547 -34.28 25.27 32.16
CA TYR A 547 -33.17 24.87 31.31
C TYR A 547 -32.71 23.49 31.70
N VAL A 548 -31.99 22.84 30.80
CA VAL A 548 -31.47 21.52 31.06
C VAL A 548 -30.22 21.68 31.91
N ASP A 549 -30.08 20.85 32.94
CA ASP A 549 -28.89 20.94 33.78
C ASP A 549 -27.87 19.91 33.31
N ILE A 550 -27.07 20.33 32.34
CA ILE A 550 -26.05 19.48 31.76
C ILE A 550 -24.91 19.28 32.75
N PRO A 551 -24.44 18.03 32.90
CA PRO A 551 -23.35 17.72 33.83
C PRO A 551 -22.10 18.51 33.47
N GLU A 552 -21.19 18.68 34.43
CA GLU A 552 -19.96 19.42 34.21
C GLU A 552 -19.17 18.88 33.02
N ASN A 553 -18.71 17.63 33.14
CA ASN A 553 -17.93 17.02 32.08
C ASN A 553 -18.74 16.88 30.79
N HIS A 554 -19.96 16.36 30.89
CA HIS A 554 -20.81 16.22 29.71
C HIS A 554 -20.84 17.53 28.94
N TYR A 555 -20.50 18.62 29.63
CA TYR A 555 -20.47 19.94 29.01
C TYR A 555 -19.15 20.16 28.27
N HIS A 556 -18.04 19.79 28.90
CA HIS A 556 -16.72 19.94 28.30
C HIS A 556 -16.77 19.42 26.87
N ILE A 557 -17.51 18.33 26.69
CA ILE A 557 -17.66 17.73 25.38
C ILE A 557 -18.67 18.57 24.58
N LEU A 558 -18.33 19.83 24.33
CA LEU A 558 -19.22 20.72 23.58
C LEU A 558 -19.45 20.17 22.18
N LEU A 566 -24.77 22.22 16.78
CA LEU A 566 -25.67 23.23 17.40
C LEU A 566 -26.03 24.34 16.44
N THR A 567 -27.07 25.09 16.78
CA THR A 567 -27.57 26.20 15.99
C THR A 567 -27.26 27.50 16.73
N ASP A 568 -27.52 28.64 16.10
CA ASP A 568 -27.25 29.92 16.74
C ASP A 568 -28.05 30.06 18.02
N GLU A 569 -29.25 29.48 18.04
CA GLU A 569 -30.10 29.53 19.22
C GLU A 569 -29.48 28.69 20.34
N GLU A 570 -29.04 27.49 19.98
CA GLU A 570 -28.44 26.56 20.92
C GLU A 570 -27.13 27.11 21.48
N LEU A 571 -26.38 27.83 20.64
CA LEU A 571 -25.12 28.41 21.07
C LEU A 571 -25.40 29.46 22.13
N ASP A 572 -26.28 30.40 21.81
CA ASP A 572 -26.64 31.45 22.74
C ASP A 572 -27.07 30.83 24.07
N LEU A 573 -27.97 29.86 23.99
CA LEU A 573 -28.46 29.18 25.18
C LEU A 573 -27.31 28.44 25.86
N MET A 574 -26.43 27.86 25.05
CA MET A 574 -25.27 27.13 25.56
C MET A 574 -24.51 28.04 26.52
N ASP A 575 -24.50 29.33 26.23
CA ASP A 575 -23.82 30.31 27.08
C ASP A 575 -24.79 30.83 28.12
N LYS A 576 -26.08 30.79 27.79
CA LYS A 576 -27.12 31.23 28.71
C LYS A 576 -27.06 30.31 29.92
N ILE A 577 -26.89 29.01 29.65
CA ILE A 577 -26.80 28.01 30.70
C ILE A 577 -25.53 28.27 31.51
N ALA A 578 -24.46 28.64 30.81
CA ALA A 578 -23.18 28.92 31.45
C ALA A 578 -23.34 30.00 32.51
N GLU A 579 -23.87 31.15 32.11
CA GLU A 579 -24.09 32.26 33.03
C GLU A 579 -24.79 31.76 34.29
N ILE A 580 -25.97 31.17 34.09
CA ILE A 580 -26.77 30.64 35.19
C ILE A 580 -25.94 29.81 36.16
N LYS A 581 -25.18 28.86 35.62
CA LYS A 581 -24.34 27.98 36.42
C LYS A 581 -23.17 28.75 37.04
N ARG A 582 -22.65 29.73 36.32
CA ARG A 582 -21.53 30.53 36.79
C ARG A 582 -21.93 31.44 37.95
N LYS A 583 -23.23 31.64 38.12
CA LYS A 583 -23.73 32.49 39.20
C LYS A 583 -23.22 31.96 40.54
N LYS A 584 -23.60 30.73 40.87
CA LYS A 584 -23.18 30.11 42.13
C LYS A 584 -21.99 29.18 41.94
N ASN A 585 -21.11 29.52 41.00
CA ASN A 585 -19.92 28.72 40.72
C ASN A 585 -18.78 29.56 40.14
N PRO A 586 -17.81 28.89 39.52
CA PRO A 586 -16.66 29.55 38.93
C PRO A 586 -17.07 30.43 37.76
MG MG B . 4.89 -9.81 -21.43
PG GNP C . 2.36 -8.65 -18.88
O1G GNP C . 1.36 -9.65 -19.30
O2G GNP C . 2.10 -7.81 -17.64
O3G GNP C . 3.80 -9.19 -18.65
N3B GNP C . 2.92 -7.76 -20.04
PB GNP C . 3.89 -6.60 -20.46
O1B GNP C . 3.81 -5.35 -19.68
O2B GNP C . 5.27 -7.25 -20.45
O3A GNP C . 3.73 -6.19 -21.95
PA GNP C . 4.25 -6.77 -23.25
O1A GNP C . 3.93 -8.19 -23.27
O2A GNP C . 5.68 -6.52 -23.53
O5' GNP C . 3.63 -5.90 -24.42
C5' GNP C . 2.19 -5.89 -24.51
C4' GNP C . 1.69 -5.52 -25.95
O4' GNP C . 2.04 -4.19 -26.24
C3' GNP C . 2.41 -6.26 -27.04
O3' GNP C . 1.51 -6.57 -28.08
C2' GNP C . 3.51 -5.36 -27.49
O2' GNP C . 3.92 -5.67 -28.81
C1' GNP C . 2.91 -4.07 -27.36
N9 GNP C . 3.92 -3.04 -27.12
C8 GNP C . 4.91 -2.92 -26.21
N7 GNP C . 5.64 -1.84 -26.29
C5 GNP C . 5.04 -1.19 -27.37
C6 GNP C . 5.34 0.07 -28.00
O6 GNP C . 6.23 0.85 -27.68
N1 GNP C . 4.49 0.38 -29.09
C2 GNP C . 3.45 -0.43 -29.52
N2 GNP C . 2.74 0.01 -30.55
N3 GNP C . 3.16 -1.61 -28.94
C4 GNP C . 4.00 -1.93 -27.87
#